data_1LCS
#
_entry.id   1LCS
#
_cell.length_a   93.400
_cell.length_b   93.400
_cell.length_c   231.500
_cell.angle_alpha   90.00
_cell.angle_beta   90.00
_cell.angle_gamma   120.00
#
_symmetry.space_group_name_H-M   'P 65 2 2'
#
loop_
_entity.id
_entity.type
_entity.pdbx_description
1 polymer 'FELINE LEUKEMIA VIRUS RECEPTOR-BINDING DOMAIN'
2 branched 2-acetamido-2-deoxy-beta-D-glucopyranose-(1-4)-2-acetamido-2-deoxy-beta-D-glucopyranose
3 branched 2-acetamido-2-deoxy-alpha-D-glucopyranose-(1-2)-beta-D-mannopyranose-(1-6)-alpha-D-mannopyranose-(1-4)-2-acetamido-2-deoxy-beta-D-glucopyranose-(1-4)-2-acetamido-2-deoxy-beta-D-glucopyranose
4 non-polymer 2-[2-(2-METHOXY-ETHOXY)-ETHOXY]-ETHOXYL
5 water water
#
_entity_poly.entity_id   1
_entity_poly.type   'polypeptide(L)'
_entity_poly.pdbx_seq_one_letter_code
;NPSPHQVYNVTWTITNLVTGTKANATSMLGTLTDAFPTMYFDLCDIIGNTWNPSDQEPFPGYGCDQPMRRWQQRNTPFYV
CPGHANRKQCGGPQDGFCAVWGCETTGETYWRPTSSWDYITVKKGVTQGIYQCSGGGWCGPCYDKAVHSSTTGASEGGRC
NPLILQFTQKGRQTSWDGPKSWGLRLYRSGYDPIALFSVSRQVMTITPPQA
;
_entity_poly.pdbx_strand_id   A,B
#
loop_
_chem_comp.id
_chem_comp.type
_chem_comp.name
_chem_comp.formula
BMA D-saccharide, beta linking beta-D-mannopyranose 'C6 H12 O6'
MAN D-saccharide, alpha linking alpha-D-mannopyranose 'C6 H12 O6'
NAG D-saccharide, beta linking 2-acetamido-2-deoxy-beta-D-glucopyranose 'C8 H15 N O6'
NDG D-saccharide, alpha linking 2-acetamido-2-deoxy-alpha-D-glucopyranose 'C8 H15 N O6'
TOE non-polymer 2-[2-(2-METHOXY-ETHOXY)-ETHOXY]-ETHOXYL 'C7 H16 O4'
#
# COMPACT_ATOMS: atom_id res chain seq x y z
N PRO A 4 34.30 -3.71 -29.89
CA PRO A 4 34.73 -4.76 -28.93
C PRO A 4 33.56 -5.11 -28.01
N HIS A 5 32.86 -4.07 -27.56
CA HIS A 5 31.71 -4.25 -26.71
C HIS A 5 30.49 -4.34 -27.65
N GLN A 6 30.74 -4.05 -28.93
CA GLN A 6 29.70 -4.09 -29.96
C GLN A 6 29.54 -5.47 -30.55
N VAL A 7 29.19 -6.43 -29.70
CA VAL A 7 29.01 -7.80 -30.12
C VAL A 7 27.73 -8.00 -30.93
N TYR A 8 26.67 -7.27 -30.57
CA TYR A 8 25.38 -7.41 -31.26
C TYR A 8 24.74 -6.09 -31.68
N ASN A 9 23.61 -6.22 -32.38
CA ASN A 9 22.82 -5.08 -32.80
C ASN A 9 21.52 -5.22 -32.01
N VAL A 10 21.43 -4.46 -30.92
CA VAL A 10 20.27 -4.52 -30.05
C VAL A 10 19.19 -3.51 -30.45
N THR A 11 17.97 -4.00 -30.64
CA THR A 11 16.87 -3.14 -31.01
C THR A 11 15.79 -3.15 -29.94
N TRP A 12 15.39 -1.95 -29.52
CA TRP A 12 14.34 -1.81 -28.51
C TRP A 12 13.12 -1.24 -29.22
N THR A 13 11.95 -1.80 -28.94
CA THR A 13 10.73 -1.34 -29.58
C THR A 13 9.63 -0.98 -28.59
N ILE A 14 8.98 0.15 -28.82
CA ILE A 14 7.87 0.57 -27.97
C ILE A 14 6.59 0.26 -28.76
N THR A 15 5.75 -0.59 -28.20
CA THR A 15 4.54 -1.00 -28.89
C THR A 15 3.22 -0.56 -28.30
N ASN A 16 2.28 -0.23 -29.21
CA ASN A 16 0.91 0.16 -28.87
C ASN A 16 0.30 -1.19 -28.49
N LEU A 17 0.06 -1.43 -27.21
CA LEU A 17 -0.47 -2.71 -26.76
C LEU A 17 -1.73 -3.21 -27.48
N VAL A 18 -2.73 -2.35 -27.56
CA VAL A 18 -3.96 -2.73 -28.21
C VAL A 18 -3.78 -3.01 -29.71
N THR A 19 -3.36 -2.00 -30.47
CA THR A 19 -3.20 -2.17 -31.91
C THR A 19 -2.08 -3.09 -32.36
N GLY A 20 -1.03 -3.23 -31.56
CA GLY A 20 0.08 -4.07 -31.94
C GLY A 20 1.11 -3.38 -32.84
N THR A 21 0.87 -2.10 -33.14
CA THR A 21 1.78 -1.35 -34.00
C THR A 21 2.96 -0.75 -33.26
N LYS A 22 4.02 -0.44 -33.99
CA LYS A 22 5.24 0.12 -33.44
C LYS A 22 5.14 1.62 -33.26
N ALA A 23 5.23 2.08 -32.02
CA ALA A 23 5.17 3.52 -31.75
C ALA A 23 6.52 4.10 -32.20
N ASN A 24 7.58 3.33 -32.01
CA ASN A 24 8.92 3.73 -32.42
C ASN A 24 9.92 2.65 -32.07
N ALA A 25 11.16 2.84 -32.52
CA ALA A 25 12.20 1.87 -32.25
C ALA A 25 13.58 2.52 -32.27
N THR A 26 14.53 1.90 -31.59
CA THR A 26 15.89 2.41 -31.56
C THR A 26 16.85 1.23 -31.56
N SER A 27 17.88 1.31 -32.40
CA SER A 27 18.88 0.25 -32.45
C SER A 27 20.24 0.80 -32.05
N MET A 28 21.09 -0.08 -31.53
CA MET A 28 22.43 0.31 -31.15
C MET A 28 23.27 -0.94 -30.99
N LEU A 29 24.58 -0.81 -31.24
CA LEU A 29 25.47 -1.95 -31.13
C LEU A 29 25.97 -2.03 -29.70
N GLY A 30 26.10 -3.24 -29.19
CA GLY A 30 26.56 -3.42 -27.84
C GLY A 30 26.16 -4.78 -27.31
N THR A 31 26.07 -4.89 -25.99
CA THR A 31 25.70 -6.13 -25.36
C THR A 31 24.41 -5.96 -24.57
N LEU A 32 23.89 -7.06 -24.05
CA LEU A 32 22.67 -7.04 -23.28
C LEU A 32 22.78 -6.19 -22.02
N THR A 33 24.01 -6.01 -21.54
CA THR A 33 24.24 -5.25 -20.32
C THR A 33 24.51 -3.76 -20.48
N ASP A 34 24.83 -3.33 -21.69
CA ASP A 34 25.12 -1.92 -21.91
C ASP A 34 24.21 -1.21 -22.91
N ALA A 35 23.39 -1.97 -23.63
CA ALA A 35 22.51 -1.38 -24.64
C ALA A 35 21.14 -1.06 -24.06
N PHE A 36 21.02 0.15 -23.52
CA PHE A 36 19.79 0.65 -22.93
C PHE A 36 19.66 2.10 -23.32
N PRO A 37 19.32 2.35 -24.58
CA PRO A 37 19.16 3.71 -25.11
C PRO A 37 17.92 4.41 -24.59
N THR A 38 17.91 5.72 -24.76
CA THR A 38 16.79 6.56 -24.39
C THR A 38 15.79 6.40 -25.54
N MET A 39 14.52 6.17 -25.21
CA MET A 39 13.49 6.01 -26.22
C MET A 39 12.70 7.30 -26.40
N TYR A 40 12.20 7.50 -27.61
CA TYR A 40 11.39 8.68 -27.91
C TYR A 40 10.15 8.22 -28.67
N PHE A 41 8.99 8.71 -28.28
CA PHE A 41 7.76 8.36 -28.97
C PHE A 41 6.66 9.37 -28.65
N ASP A 42 5.60 9.38 -29.44
CA ASP A 42 4.51 10.32 -29.19
C ASP A 42 3.37 9.55 -28.54
N LEU A 43 2.69 10.16 -27.58
CA LEU A 43 1.57 9.53 -26.88
C LEU A 43 0.47 9.09 -27.85
N CYS A 44 0.24 9.89 -28.89
CA CYS A 44 -0.80 9.56 -29.86
C CYS A 44 -0.51 8.30 -30.66
N ASP A 45 0.71 7.77 -30.56
CA ASP A 45 1.06 6.56 -31.28
C ASP A 45 0.89 5.30 -30.43
N ILE A 46 0.38 5.45 -29.22
CA ILE A 46 0.15 4.31 -28.33
C ILE A 46 -1.27 4.22 -27.78
N ILE A 47 -2.12 5.19 -28.12
CA ILE A 47 -3.50 5.15 -27.65
C ILE A 47 -4.29 4.09 -28.40
N GLY A 48 -5.41 3.68 -27.81
CA GLY A 48 -6.26 2.68 -28.42
C GLY A 48 -7.59 3.23 -28.93
N ASN A 49 -8.50 2.32 -29.26
CA ASN A 49 -9.81 2.64 -29.80
C ASN A 49 -10.72 3.43 -28.88
N THR A 50 -10.52 3.33 -27.58
CA THR A 50 -11.40 4.02 -26.64
C THR A 50 -10.89 5.32 -26.02
N TRP A 51 -9.77 5.83 -26.51
CA TRP A 51 -9.18 7.06 -25.99
C TRP A 51 -9.84 8.35 -26.47
N ASN A 52 -9.81 8.62 -27.77
CA ASN A 52 -10.40 9.85 -28.30
C ASN A 52 -11.84 10.06 -27.88
N PRO A 53 -12.15 11.25 -27.33
CA PRO A 53 -13.52 11.53 -26.92
C PRO A 53 -14.40 11.59 -28.17
N SER A 54 -15.69 11.36 -27.98
CA SER A 54 -16.66 11.38 -29.07
C SER A 54 -16.69 12.72 -29.81
N ASP A 55 -17.30 12.73 -30.99
CA ASP A 55 -17.44 13.97 -31.76
C ASP A 55 -18.58 14.79 -31.17
N GLN A 56 -19.48 14.12 -30.46
CA GLN A 56 -20.63 14.78 -29.84
C GLN A 56 -20.17 15.47 -28.56
N GLU A 57 -18.92 15.22 -28.18
CA GLU A 57 -18.35 15.79 -26.96
C GLU A 57 -17.67 17.11 -27.25
N PRO A 58 -18.21 18.22 -26.69
CA PRO A 58 -17.68 19.57 -26.87
C PRO A 58 -16.39 19.89 -26.10
N PHE A 59 -15.33 20.20 -26.84
CA PHE A 59 -14.03 20.55 -26.28
C PHE A 59 -13.69 19.77 -25.01
N PRO A 60 -13.50 18.45 -25.14
CA PRO A 60 -13.19 17.60 -23.99
C PRO A 60 -11.90 17.94 -23.22
N GLY A 61 -10.91 18.50 -23.91
CA GLY A 61 -9.67 18.86 -23.23
C GLY A 61 -8.49 17.95 -23.53
N TYR A 62 -8.74 16.91 -24.31
CA TYR A 62 -7.70 15.98 -24.71
C TYR A 62 -8.20 15.19 -25.91
N GLY A 63 -7.34 14.38 -26.50
CA GLY A 63 -7.71 13.58 -27.65
C GLY A 63 -6.61 13.70 -28.70
N CYS A 64 -6.56 12.74 -29.61
CA CYS A 64 -5.55 12.76 -30.65
C CYS A 64 -6.08 13.04 -32.06
N ASP A 65 -7.39 13.23 -32.18
CA ASP A 65 -8.01 13.46 -33.49
C ASP A 65 -8.18 14.92 -33.94
N GLN A 66 -7.79 15.87 -33.09
CA GLN A 66 -7.89 17.28 -33.44
C GLN A 66 -6.75 18.08 -32.83
N PRO A 67 -6.25 19.10 -33.55
CA PRO A 67 -5.14 19.96 -33.13
C PRO A 67 -5.24 20.54 -31.71
N MET A 68 -6.36 21.20 -31.41
CA MET A 68 -6.48 21.78 -30.07
C MET A 68 -6.62 20.68 -29.02
N ARG A 69 -7.23 19.55 -29.41
CA ARG A 69 -7.36 18.43 -28.50
C ARG A 69 -5.96 17.93 -28.17
N ARG A 70 -5.11 17.83 -29.19
CA ARG A 70 -3.75 17.36 -28.99
C ARG A 70 -2.93 18.34 -28.13
N TRP A 71 -3.19 19.63 -28.32
CA TRP A 71 -2.49 20.68 -27.58
C TRP A 71 -2.92 20.69 -26.13
N GLN A 72 -4.23 20.72 -25.88
CA GLN A 72 -4.71 20.73 -24.50
C GLN A 72 -4.26 19.45 -23.77
N GLN A 73 -4.16 18.36 -24.52
CA GLN A 73 -3.70 17.10 -23.98
C GLN A 73 -2.25 17.24 -23.54
N ARG A 74 -1.46 17.91 -24.37
CA ARG A 74 -0.03 18.14 -24.12
C ARG A 74 0.24 18.86 -22.80
N ASN A 75 -0.66 19.77 -22.43
CA ASN A 75 -0.50 20.54 -21.23
C ASN A 75 -1.17 19.90 -20.00
N THR A 76 -1.62 18.66 -20.15
CA THR A 76 -2.24 17.95 -19.04
C THR A 76 -1.21 17.02 -18.44
N PRO A 77 -1.18 16.91 -17.11
CA PRO A 77 -0.19 16.01 -16.50
C PRO A 77 -0.63 14.54 -16.67
N PHE A 78 0.30 13.61 -16.45
CA PHE A 78 -0.01 12.19 -16.58
C PHE A 78 0.85 11.37 -15.63
N TYR A 79 0.40 10.15 -15.34
CA TYR A 79 1.14 9.23 -14.47
C TYR A 79 1.17 7.86 -15.13
N VAL A 80 2.15 7.03 -14.78
CA VAL A 80 2.33 5.71 -15.39
C VAL A 80 2.43 4.55 -14.38
N CYS A 81 1.76 3.43 -14.67
CA CYS A 81 1.81 2.26 -13.79
C CYS A 81 2.28 0.99 -14.50
N PRO A 82 3.10 0.17 -13.81
CA PRO A 82 3.59 -1.07 -14.40
C PRO A 82 2.52 -2.16 -14.37
N GLY A 83 2.51 -3.01 -15.39
CA GLY A 83 1.54 -4.09 -15.43
C GLY A 83 2.26 -5.42 -15.48
N HIS A 84 3.56 -5.40 -15.17
CA HIS A 84 4.37 -6.61 -15.18
C HIS A 84 4.59 -7.22 -13.80
N ALA A 85 4.12 -6.55 -12.76
CA ALA A 85 4.35 -7.05 -11.39
C ALA A 85 3.22 -7.83 -10.70
N ASN A 86 2.07 -7.93 -11.34
CA ASN A 86 0.96 -8.68 -10.75
C ASN A 86 0.56 -8.18 -9.35
N ARG A 87 0.19 -6.91 -9.27
CA ARG A 87 -0.25 -6.33 -7.99
C ARG A 87 -1.77 -6.22 -8.05
N LYS A 88 -2.44 -7.23 -7.50
CA LYS A 88 -3.91 -7.30 -7.51
C LYS A 88 -4.66 -6.00 -7.25
N GLN A 89 -4.21 -5.23 -6.26
CA GLN A 89 -4.88 -3.97 -5.91
C GLN A 89 -4.82 -2.92 -7.02
N CYS A 90 -3.84 -3.02 -7.91
CA CYS A 90 -3.73 -2.04 -8.97
C CYS A 90 -4.61 -2.33 -10.17
N GLY A 91 -5.24 -3.50 -10.16
CA GLY A 91 -6.14 -3.88 -11.24
C GLY A 91 -5.44 -4.31 -12.52
N GLY A 92 -6.16 -4.26 -13.64
CA GLY A 92 -5.57 -4.67 -14.90
C GLY A 92 -5.53 -3.60 -15.99
N PRO A 93 -5.48 -4.01 -17.27
CA PRO A 93 -5.44 -3.11 -18.42
C PRO A 93 -6.58 -2.10 -18.45
N GLN A 94 -7.76 -2.54 -18.04
CA GLN A 94 -8.93 -1.66 -18.04
C GLN A 94 -8.81 -0.53 -17.01
N ASP A 95 -7.77 -0.59 -16.18
CA ASP A 95 -7.52 0.45 -15.18
C ASP A 95 -6.15 1.05 -15.46
N GLY A 96 -5.49 0.57 -16.50
CA GLY A 96 -4.16 1.04 -16.84
C GLY A 96 -3.18 0.66 -15.75
N PHE A 97 -3.55 -0.35 -14.97
CA PHE A 97 -2.76 -0.84 -13.84
C PHE A 97 -2.66 0.23 -12.74
N CYS A 98 -3.58 1.20 -12.79
CA CYS A 98 -3.59 2.26 -11.79
C CYS A 98 -4.96 2.32 -11.10
N ALA A 99 -5.42 1.22 -10.53
CA ALA A 99 -6.75 1.22 -9.91
C ALA A 99 -6.83 2.05 -8.64
N VAL A 100 -5.71 2.23 -7.95
CA VAL A 100 -5.73 2.97 -6.71
C VAL A 100 -4.49 3.88 -6.62
N TRP A 101 -4.60 5.03 -5.94
CA TRP A 101 -3.43 5.91 -5.83
C TRP A 101 -2.28 5.17 -5.15
N GLY A 102 -1.07 5.40 -5.65
CA GLY A 102 0.09 4.73 -5.10
C GLY A 102 0.57 3.64 -6.05
N CYS A 103 -0.19 3.37 -7.11
CA CYS A 103 0.21 2.36 -8.09
C CYS A 103 1.21 2.94 -9.11
N GLU A 104 1.20 4.26 -9.32
CA GLU A 104 2.11 4.89 -10.29
C GLU A 104 3.57 4.84 -9.87
N THR A 105 4.47 4.71 -10.85
CA THR A 105 5.90 4.65 -10.58
C THR A 105 6.69 5.76 -11.30
N THR A 106 6.02 6.46 -12.20
CA THR A 106 6.67 7.54 -12.93
C THR A 106 5.64 8.37 -13.66
N GLY A 107 6.11 9.32 -14.46
CA GLY A 107 5.22 10.20 -15.20
C GLY A 107 5.54 11.64 -14.83
N GLU A 108 4.59 12.54 -15.09
CA GLU A 108 4.77 13.95 -14.77
C GLU A 108 3.55 14.59 -14.13
N THR A 109 3.59 14.68 -12.80
CA THR A 109 2.52 15.27 -12.00
C THR A 109 3.15 16.09 -10.88
N TYR A 110 2.36 16.93 -10.23
CA TYR A 110 2.90 17.77 -9.17
C TYR A 110 3.64 17.06 -8.04
N TRP A 111 3.35 15.78 -7.82
CA TRP A 111 4.03 15.06 -6.74
C TRP A 111 5.29 14.30 -7.19
N ARG A 112 5.66 14.46 -8.47
CA ARG A 112 6.85 13.83 -9.06
C ARG A 112 7.05 12.34 -8.79
N PRO A 113 6.16 11.49 -9.31
CA PRO A 113 6.33 10.06 -9.06
C PRO A 113 7.65 9.50 -9.58
N THR A 114 8.25 8.63 -8.78
CA THR A 114 9.49 7.97 -9.10
C THR A 114 9.36 6.59 -8.47
N SER A 115 10.37 5.76 -8.63
CA SER A 115 10.30 4.42 -8.09
C SER A 115 11.70 3.88 -7.87
N SER A 116 11.81 2.94 -6.94
CA SER A 116 13.09 2.32 -6.64
C SER A 116 13.06 0.87 -7.10
N TRP A 117 11.94 0.45 -7.68
CA TRP A 117 11.84 -0.93 -8.14
C TRP A 117 11.38 -1.10 -9.60
N ASP A 118 10.69 -0.11 -10.16
CA ASP A 118 10.24 -0.24 -11.53
C ASP A 118 11.39 -0.02 -12.52
N TYR A 119 11.20 -0.47 -13.76
CA TYR A 119 12.24 -0.43 -14.78
C TYR A 119 12.43 0.80 -15.66
N ILE A 120 11.48 1.74 -15.64
CA ILE A 120 11.62 2.92 -16.50
C ILE A 120 11.09 4.20 -15.87
N THR A 121 11.32 5.31 -16.56
CA THR A 121 10.82 6.61 -16.15
C THR A 121 10.27 7.17 -17.46
N VAL A 122 9.30 8.08 -17.38
CA VAL A 122 8.73 8.63 -18.60
C VAL A 122 8.41 10.09 -18.36
N LYS A 123 8.95 10.98 -19.19
CA LYS A 123 8.69 12.41 -19.04
C LYS A 123 8.31 13.03 -20.36
N LYS A 124 7.69 14.21 -20.31
CA LYS A 124 7.30 14.91 -21.52
C LYS A 124 8.56 15.41 -22.24
N GLY A 125 8.56 15.33 -23.56
CA GLY A 125 9.70 15.79 -24.34
C GLY A 125 9.53 17.26 -24.68
N VAL A 126 10.21 17.71 -25.72
CA VAL A 126 10.11 19.12 -26.12
C VAL A 126 9.34 19.34 -27.41
N THR A 127 8.50 20.37 -27.42
CA THR A 127 7.70 20.69 -28.58
C THR A 127 7.24 22.14 -28.54
N GLN A 128 7.07 22.74 -29.71
CA GLN A 128 6.60 24.12 -29.76
C GLN A 128 5.10 24.11 -29.66
N GLY A 129 4.52 22.92 -29.84
CA GLY A 129 3.08 22.75 -29.76
C GLY A 129 2.29 23.69 -30.64
N ILE A 130 1.64 24.67 -30.01
CA ILE A 130 0.85 25.66 -30.74
C ILE A 130 1.20 27.06 -30.25
N TYR A 131 1.32 28.00 -31.18
CA TYR A 131 1.64 29.38 -30.85
C TYR A 131 1.19 30.33 -31.96
N GLN A 132 0.82 31.55 -31.58
CA GLN A 132 0.38 32.55 -32.56
C GLN A 132 1.62 33.10 -33.25
N CYS A 133 1.63 33.05 -34.58
CA CYS A 133 2.79 33.55 -35.31
C CYS A 133 2.43 34.50 -36.44
N SER A 134 3.24 35.54 -36.60
CA SER A 134 3.07 36.54 -37.65
C SER A 134 1.68 37.18 -37.72
N GLY A 135 0.84 36.67 -38.61
CA GLY A 135 -0.49 37.21 -38.81
C GLY A 135 -1.56 36.92 -37.76
N GLY A 136 -1.16 36.41 -36.61
CA GLY A 136 -2.12 36.12 -35.56
C GLY A 136 -2.75 34.74 -35.59
N GLY A 137 -2.65 34.07 -36.73
CA GLY A 137 -3.21 32.74 -36.85
C GLY A 137 -2.48 31.77 -35.93
N TRP A 138 -2.95 30.52 -35.90
CA TRP A 138 -2.33 29.50 -35.06
C TRP A 138 -1.29 28.68 -35.84
N CYS A 139 -0.11 28.57 -35.27
CA CYS A 139 0.99 27.84 -35.89
C CYS A 139 1.61 26.84 -34.91
N GLY A 140 2.29 25.82 -35.44
CA GLY A 140 2.92 24.83 -34.57
C GLY A 140 2.73 23.38 -35.01
N PRO A 141 3.55 22.46 -34.47
CA PRO A 141 3.55 21.02 -34.75
C PRO A 141 2.25 20.25 -34.47
N CYS A 142 1.42 20.77 -33.57
CA CYS A 142 0.17 20.07 -33.27
C CYS A 142 -0.71 19.97 -34.51
N TYR A 143 -0.43 20.80 -35.51
CA TYR A 143 -1.19 20.77 -36.75
C TYR A 143 -0.59 19.75 -37.71
N ASP A 144 -1.46 18.97 -38.33
CA ASP A 144 -1.04 17.95 -39.28
C ASP A 144 -0.72 18.62 -40.62
N LYS A 145 0.52 18.48 -41.08
CA LYS A 145 0.93 19.10 -42.34
C LYS A 145 0.27 18.37 -43.50
N ALA A 146 -0.26 17.18 -43.22
CA ALA A 146 -0.92 16.37 -44.23
C ALA A 146 -2.43 16.54 -44.16
N VAL A 147 -2.88 17.61 -43.51
CA VAL A 147 -4.31 17.87 -43.39
C VAL A 147 -4.54 19.34 -43.72
N HIS A 148 -3.46 20.10 -43.64
CA HIS A 148 -3.50 21.51 -43.97
C HIS A 148 -2.08 22.03 -44.11
N SER A 149 -1.51 21.86 -45.30
CA SER A 149 -0.17 22.34 -45.59
C SER A 149 -0.24 23.85 -45.51
N SER A 150 0.91 24.50 -45.63
CA SER A 150 1.01 25.97 -45.56
C SER A 150 1.06 26.40 -44.10
N THR A 151 0.11 25.91 -43.29
CA THR A 151 0.09 26.23 -41.87
C THR A 151 1.46 25.88 -41.33
N THR A 152 2.28 26.89 -41.09
CA THR A 152 3.64 26.68 -40.61
C THR A 152 3.73 25.78 -39.38
N GLY A 153 4.92 25.24 -39.13
CA GLY A 153 5.14 24.38 -37.99
C GLY A 153 4.52 23.00 -38.12
N ALA A 154 3.37 22.94 -38.78
CA ALA A 154 2.65 21.68 -38.97
C ALA A 154 3.57 20.50 -39.24
N SER A 155 3.47 19.48 -38.40
CA SER A 155 4.28 18.26 -38.54
C SER A 155 3.39 17.18 -39.11
N GLU A 156 3.96 16.06 -39.54
CA GLU A 156 3.12 15.01 -40.07
C GLU A 156 2.48 14.24 -38.92
N GLY A 157 1.16 14.06 -39.01
CA GLY A 157 0.42 13.36 -37.99
C GLY A 157 -0.06 14.32 -36.92
N GLY A 158 0.53 15.52 -36.89
CA GLY A 158 0.16 16.51 -35.91
C GLY A 158 0.74 16.13 -34.55
N ARG A 159 1.87 15.45 -34.58
CA ARG A 159 2.55 15.00 -33.38
C ARG A 159 3.12 16.14 -32.53
N CYS A 160 2.62 16.25 -31.31
CA CYS A 160 3.06 17.29 -30.38
C CYS A 160 2.86 16.84 -28.93
N ASN A 161 3.04 15.54 -28.71
CA ASN A 161 2.91 14.92 -27.40
C ASN A 161 4.10 13.99 -27.20
N PRO A 162 5.31 14.51 -27.38
CA PRO A 162 6.50 13.69 -27.21
C PRO A 162 6.75 13.20 -25.78
N LEU A 163 7.07 11.93 -25.66
CA LEU A 163 7.36 11.33 -24.37
C LEU A 163 8.79 10.81 -24.46
N ILE A 164 9.47 10.78 -23.33
CA ILE A 164 10.83 10.30 -23.29
C ILE A 164 10.90 9.21 -22.23
N LEU A 165 11.37 8.04 -22.64
CA LEU A 165 11.48 6.90 -21.76
C LEU A 165 12.93 6.52 -21.57
N GLN A 166 13.32 6.31 -20.31
CA GLN A 166 14.68 5.93 -19.97
C GLN A 166 14.63 4.76 -19.05
N PHE A 167 15.66 3.92 -19.09
CA PHE A 167 15.72 2.76 -18.23
C PHE A 167 16.40 3.12 -16.92
N THR A 168 15.86 2.62 -15.82
CA THR A 168 16.42 2.88 -14.49
C THR A 168 17.48 1.82 -14.20
N GLN A 169 18.22 2.02 -13.10
CA GLN A 169 19.26 1.08 -12.71
C GLN A 169 18.64 -0.31 -12.59
N LYS A 170 17.49 -0.38 -11.95
CA LYS A 170 16.82 -1.65 -11.78
C LYS A 170 16.40 -2.17 -13.16
N GLY A 171 15.98 -1.27 -14.03
CA GLY A 171 15.59 -1.67 -15.38
C GLY A 171 16.76 -2.24 -16.17
N ARG A 172 17.95 -1.66 -15.99
CA ARG A 172 19.14 -2.11 -16.69
C ARG A 172 19.66 -3.43 -16.16
N GLN A 173 19.18 -3.85 -14.99
CA GLN A 173 19.68 -5.09 -14.38
C GLN A 173 18.68 -6.23 -14.35
N THR A 174 17.45 -5.97 -14.78
CA THR A 174 16.44 -7.02 -14.79
C THR A 174 16.47 -7.79 -16.12
N SER A 175 15.87 -8.97 -16.14
CA SER A 175 15.85 -9.77 -17.35
C SER A 175 14.71 -9.34 -18.26
N TRP A 176 14.99 -9.29 -19.56
CA TRP A 176 13.98 -8.89 -20.54
C TRP A 176 13.62 -10.01 -21.52
N ASP A 177 13.06 -11.10 -21.00
CA ASP A 177 12.62 -12.20 -21.85
C ASP A 177 11.12 -12.02 -21.94
N GLY A 178 10.66 -11.52 -23.08
CA GLY A 178 9.24 -11.29 -23.23
C GLY A 178 8.97 -9.81 -23.03
N PRO A 179 7.88 -9.31 -23.60
CA PRO A 179 7.56 -7.89 -23.44
C PRO A 179 7.01 -7.56 -22.06
N LYS A 180 7.21 -6.31 -21.67
CA LYS A 180 6.71 -5.79 -20.40
C LYS A 180 5.77 -4.65 -20.74
N SER A 181 4.66 -4.56 -20.03
CA SER A 181 3.68 -3.51 -20.33
C SER A 181 3.46 -2.52 -19.20
N TRP A 182 3.02 -1.32 -19.60
CA TRP A 182 2.71 -0.22 -18.69
C TRP A 182 1.43 0.47 -19.14
N GLY A 183 0.78 1.17 -18.22
CA GLY A 183 -0.41 1.91 -18.57
C GLY A 183 -0.08 3.36 -18.32
N LEU A 184 -0.65 4.26 -19.13
CA LEU A 184 -0.42 5.68 -18.94
C LEU A 184 -1.78 6.34 -18.84
N ARG A 185 -1.93 7.23 -17.87
CA ARG A 185 -3.19 7.91 -17.61
C ARG A 185 -3.02 9.42 -17.49
N LEU A 186 -3.96 10.17 -18.06
CA LEU A 186 -3.93 11.61 -17.95
C LEU A 186 -4.56 11.94 -16.61
N TYR A 187 -3.95 12.86 -15.88
CA TYR A 187 -4.44 13.28 -14.59
C TYR A 187 -5.37 14.48 -14.76
N ARG A 188 -6.67 14.23 -14.68
CA ARG A 188 -7.65 15.28 -14.86
C ARG A 188 -8.74 15.37 -13.77
N SER A 189 -9.54 16.43 -13.85
CA SER A 189 -10.65 16.62 -12.93
C SER A 189 -11.81 16.04 -13.74
N GLY A 190 -11.95 14.73 -13.63
CA GLY A 190 -12.95 13.99 -14.37
C GLY A 190 -12.26 12.67 -14.71
N TYR A 191 -12.76 11.94 -15.71
CA TYR A 191 -12.17 10.66 -16.08
C TYR A 191 -10.70 10.75 -16.53
N ASP A 192 -9.88 9.81 -16.08
CA ASP A 192 -8.46 9.74 -16.45
C ASP A 192 -8.30 8.69 -17.58
N PRO A 193 -8.32 9.12 -18.85
CA PRO A 193 -8.19 8.15 -19.96
C PRO A 193 -6.97 7.26 -19.86
N ILE A 194 -7.07 6.06 -20.44
CA ILE A 194 -6.01 5.07 -20.38
C ILE A 194 -5.37 4.73 -21.73
N ALA A 195 -4.03 4.65 -21.73
CA ALA A 195 -3.26 4.28 -22.91
C ALA A 195 -2.28 3.19 -22.47
N LEU A 196 -2.23 2.09 -23.21
CA LEU A 196 -1.35 0.98 -22.86
C LEU A 196 -0.22 0.80 -23.86
N PHE A 197 0.98 0.55 -23.35
CA PHE A 197 2.13 0.33 -24.23
C PHE A 197 3.04 -0.76 -23.69
N SER A 198 3.92 -1.26 -24.56
CA SER A 198 4.84 -2.32 -24.20
C SER A 198 6.24 -2.00 -24.69
N VAL A 199 7.21 -2.62 -24.04
CA VAL A 199 8.62 -2.44 -24.36
C VAL A 199 9.23 -3.83 -24.53
N SER A 200 9.97 -4.04 -25.61
CA SER A 200 10.58 -5.34 -25.86
C SER A 200 11.91 -5.16 -26.57
N ARG A 201 12.75 -6.17 -26.45
CA ARG A 201 14.08 -6.13 -27.04
C ARG A 201 14.34 -7.29 -27.99
N GLN A 202 15.03 -7.01 -29.10
CA GLN A 202 15.41 -8.02 -30.09
C GLN A 202 16.95 -7.94 -30.18
N VAL A 203 17.61 -9.08 -30.26
CA VAL A 203 19.06 -9.11 -30.37
C VAL A 203 19.51 -9.91 -31.60
N MET A 204 20.01 -9.21 -32.60
CA MET A 204 20.45 -9.84 -33.84
C MET A 204 21.87 -9.48 -34.28
N THR A 205 22.44 -10.33 -35.12
CA THR A 205 23.79 -10.14 -35.62
C THR A 205 23.94 -8.85 -36.40
N ILE A 206 25.18 -8.37 -36.49
CA ILE A 206 25.48 -7.12 -37.20
C ILE A 206 25.58 -7.36 -38.71
N THR A 207 25.40 -6.30 -39.48
CA THR A 207 25.48 -6.36 -40.94
C THR A 207 25.91 -5.01 -41.53
N PRO A 208 26.77 -5.02 -42.57
CA PRO A 208 27.35 -6.20 -43.21
C PRO A 208 28.41 -6.90 -42.35
N PRO B 4 -8.63 24.78 35.26
CA PRO B 4 -7.70 23.62 35.40
C PRO B 4 -8.48 22.36 35.77
N HIS B 5 -9.80 22.42 35.60
CA HIS B 5 -10.66 21.29 35.91
C HIS B 5 -11.65 21.11 34.76
N GLN B 6 -11.23 21.49 33.56
CA GLN B 6 -12.07 21.38 32.37
C GLN B 6 -12.45 19.94 32.07
N VAL B 7 -13.56 19.78 31.36
CA VAL B 7 -14.02 18.45 30.98
C VAL B 7 -13.97 18.31 29.47
N TYR B 8 -13.09 17.43 29.00
CA TYR B 8 -12.96 17.21 27.56
C TYR B 8 -13.53 15.86 27.16
N ASN B 9 -13.55 15.62 25.86
CA ASN B 9 -13.99 14.35 25.32
C ASN B 9 -12.64 13.62 25.33
N VAL B 10 -12.53 12.56 26.14
CA VAL B 10 -11.28 11.82 26.25
C VAL B 10 -11.40 10.43 25.65
N THR B 11 -10.63 10.19 24.60
CA THR B 11 -10.65 8.90 23.94
C THR B 11 -9.36 8.13 24.20
N TRP B 12 -9.49 6.89 24.67
CA TRP B 12 -8.32 6.05 24.90
C TRP B 12 -8.36 4.99 23.81
N THR B 13 -7.20 4.74 23.19
CA THR B 13 -7.16 3.79 22.09
C THR B 13 -6.07 2.74 22.19
N ILE B 14 -6.41 1.54 21.79
CA ILE B 14 -5.46 0.45 21.77
C ILE B 14 -5.28 0.05 20.31
N THR B 15 -4.10 0.31 19.76
CA THR B 15 -3.84 -0.01 18.36
C THR B 15 -2.76 -1.05 18.10
N ASN B 16 -3.02 -1.84 17.07
CA ASN B 16 -2.13 -2.90 16.62
C ASN B 16 -0.99 -2.20 15.90
N LEU B 17 0.22 -2.27 16.46
CA LEU B 17 1.37 -1.59 15.88
C LEU B 17 1.86 -2.17 14.56
N VAL B 18 1.50 -3.42 14.26
CA VAL B 18 1.91 -4.02 13.00
C VAL B 18 1.02 -3.56 11.85
N THR B 19 -0.29 -3.61 12.07
CA THR B 19 -1.25 -3.24 11.04
C THR B 19 -1.73 -1.80 11.07
N GLY B 20 -1.56 -1.12 12.22
CA GLY B 20 -1.99 0.26 12.34
C GLY B 20 -3.47 0.36 12.64
N THR B 21 -4.11 -0.78 12.77
CA THR B 21 -5.53 -0.84 13.03
C THR B 21 -5.85 -0.76 14.53
N LYS B 22 -7.04 -0.26 14.86
CA LYS B 22 -7.47 -0.11 16.25
C LYS B 22 -8.10 -1.36 16.82
N ALA B 23 -7.57 -1.84 17.94
CA ALA B 23 -8.13 -3.03 18.58
C ALA B 23 -9.44 -2.61 19.23
N ASN B 24 -9.41 -1.43 19.86
CA ASN B 24 -10.60 -0.90 20.52
C ASN B 24 -10.35 0.54 20.93
N ALA B 25 -11.42 1.25 21.24
CA ALA B 25 -11.32 2.63 21.66
C ALA B 25 -12.49 2.91 22.61
N THR B 26 -12.26 3.80 23.57
CA THR B 26 -13.29 4.16 24.53
C THR B 26 -13.25 5.66 24.81
N SER B 27 -14.40 6.32 24.65
CA SER B 27 -14.53 7.76 24.89
C SER B 27 -15.31 8.02 26.18
N MET B 28 -14.99 9.13 26.85
CA MET B 28 -15.67 9.47 28.10
C MET B 28 -15.39 10.92 28.48
N LEU B 29 -16.45 11.64 28.83
CA LEU B 29 -16.31 13.03 29.23
C LEU B 29 -15.81 13.06 30.66
N GLY B 30 -14.74 13.81 30.89
CA GLY B 30 -14.16 13.90 32.22
C GLY B 30 -12.95 14.78 32.16
N THR B 31 -12.32 15.01 33.32
CA THR B 31 -11.13 15.86 33.34
C THR B 31 -9.92 14.96 33.10
N LEU B 32 -8.82 15.56 32.66
CA LEU B 32 -7.61 14.80 32.38
C LEU B 32 -7.13 14.06 33.62
N THR B 33 -7.29 14.72 34.78
CA THR B 33 -6.84 14.15 36.04
C THR B 33 -7.52 12.83 36.40
N ASP B 34 -8.80 12.69 36.09
CA ASP B 34 -9.51 11.47 36.44
C ASP B 34 -10.11 10.67 35.30
N ALA B 35 -9.69 10.95 34.07
CA ALA B 35 -10.21 10.21 32.92
C ALA B 35 -9.26 9.06 32.59
N PHE B 36 -9.34 7.99 33.39
CA PHE B 36 -8.51 6.81 33.23
C PHE B 36 -9.37 5.57 33.43
N PRO B 37 -10.11 5.17 32.40
CA PRO B 37 -11.01 4.01 32.42
C PRO B 37 -10.32 2.66 32.37
N THR B 38 -11.14 1.62 32.37
CA THR B 38 -10.67 0.26 32.26
C THR B 38 -10.85 -0.08 30.78
N MET B 39 -9.77 -0.52 30.14
CA MET B 39 -9.81 -0.86 28.72
C MET B 39 -10.08 -2.33 28.51
N TYR B 40 -10.77 -2.65 27.42
CA TYR B 40 -11.08 -4.03 27.08
C TYR B 40 -10.80 -4.27 25.60
N PHE B 41 -10.19 -5.40 25.27
CA PHE B 41 -9.88 -5.74 23.88
C PHE B 41 -9.50 -7.22 23.78
N ASP B 42 -9.66 -7.80 22.59
CA ASP B 42 -9.32 -9.20 22.40
C ASP B 42 -7.89 -9.31 21.90
N LEU B 43 -7.21 -10.37 22.31
CA LEU B 43 -5.83 -10.58 21.90
C LEU B 43 -5.67 -10.66 20.37
N CYS B 44 -6.57 -11.38 19.73
CA CYS B 44 -6.50 -11.55 18.29
C CYS B 44 -6.54 -10.26 17.47
N ASP B 45 -6.90 -9.14 18.11
CA ASP B 45 -6.95 -7.87 17.40
C ASP B 45 -5.63 -7.09 17.51
N ILE B 46 -4.60 -7.70 18.09
CA ILE B 46 -3.32 -7.02 18.19
C ILE B 46 -2.15 -7.85 17.68
N ILE B 47 -2.41 -9.07 17.21
CA ILE B 47 -1.34 -9.92 16.69
C ILE B 47 -0.84 -9.45 15.33
N GLY B 48 0.40 -9.83 15.00
CA GLY B 48 0.98 -9.45 13.72
C GLY B 48 0.67 -10.42 12.60
N ASN B 49 1.50 -10.39 11.55
CA ASN B 49 1.31 -11.26 10.39
C ASN B 49 2.10 -12.57 10.51
N THR B 50 2.87 -12.70 11.57
CA THR B 50 3.68 -13.90 11.78
C THR B 50 3.35 -14.63 13.06
N TRP B 51 2.18 -14.33 13.61
CA TRP B 51 1.73 -14.96 14.86
C TRP B 51 1.09 -16.32 14.60
N ASN B 52 0.09 -16.36 13.73
CA ASN B 52 -0.58 -17.60 13.42
C ASN B 52 0.34 -18.67 12.82
N PRO B 53 0.31 -19.88 13.39
CA PRO B 53 1.15 -20.96 12.87
C PRO B 53 0.73 -21.31 11.45
N SER B 54 1.65 -21.84 10.67
CA SER B 54 1.35 -22.24 9.30
C SER B 54 0.31 -23.36 9.29
N ASP B 55 -0.47 -23.43 8.22
CA ASP B 55 -1.50 -24.47 8.11
C ASP B 55 -0.87 -25.86 8.02
N GLN B 56 0.43 -25.90 7.76
CA GLN B 56 1.12 -27.18 7.67
C GLN B 56 1.48 -27.77 9.05
N GLU B 57 1.39 -26.92 10.08
CA GLU B 57 1.69 -27.37 11.43
C GLU B 57 0.43 -27.89 12.13
N PRO B 58 0.36 -29.19 12.37
CA PRO B 58 -0.77 -29.85 13.02
C PRO B 58 -0.95 -29.49 14.50
N PHE B 59 -2.14 -28.97 14.82
CA PHE B 59 -2.51 -28.58 16.18
C PHE B 59 -1.36 -27.92 16.94
N PRO B 60 -0.95 -26.73 16.49
CA PRO B 60 0.16 -25.99 17.11
C PRO B 60 -0.06 -25.67 18.58
N GLY B 61 -1.33 -25.52 18.97
CA GLY B 61 -1.62 -25.21 20.36
C GLY B 61 -1.98 -23.75 20.60
N TYR B 62 -2.03 -22.96 19.53
CA TYR B 62 -2.38 -21.54 19.64
C TYR B 62 -2.58 -20.95 18.26
N GLY B 63 -3.10 -19.73 18.21
CA GLY B 63 -3.35 -19.08 16.95
C GLY B 63 -4.71 -18.41 16.96
N CYS B 64 -4.96 -17.55 15.98
CA CYS B 64 -6.22 -16.84 15.89
C CYS B 64 -7.10 -17.19 14.70
N ASP B 65 -6.63 -18.09 13.85
CA ASP B 65 -7.38 -18.46 12.65
C ASP B 65 -8.37 -19.62 12.76
N GLN B 66 -8.10 -20.59 13.64
CA GLN B 66 -9.01 -21.73 13.81
C GLN B 66 -9.67 -21.66 15.19
N PRO B 67 -10.89 -22.21 15.33
CA PRO B 67 -11.61 -22.21 16.60
C PRO B 67 -10.83 -22.78 17.80
N MET B 68 -10.33 -23.99 17.66
CA MET B 68 -9.60 -24.59 18.78
C MET B 68 -8.24 -23.92 19.02
N ARG B 69 -7.68 -23.30 17.99
CA ARG B 69 -6.41 -22.61 18.13
C ARG B 69 -6.59 -21.41 19.06
N ARG B 70 -7.77 -20.78 18.97
CA ARG B 70 -8.07 -19.64 19.82
C ARG B 70 -8.33 -20.12 21.23
N TRP B 71 -9.06 -21.23 21.34
CA TRP B 71 -9.40 -21.81 22.63
C TRP B 71 -8.17 -22.24 23.40
N GLN B 72 -7.29 -23.03 22.78
CA GLN B 72 -6.10 -23.47 23.49
C GLN B 72 -5.19 -22.28 23.81
N GLN B 73 -5.21 -21.27 22.95
CA GLN B 73 -4.43 -20.05 23.15
C GLN B 73 -5.01 -19.31 24.36
N ARG B 74 -6.32 -19.42 24.51
CA ARG B 74 -7.04 -18.78 25.60
C ARG B 74 -6.55 -19.34 26.94
N ASN B 75 -6.26 -20.63 26.96
CA ASN B 75 -5.82 -21.30 28.17
C ASN B 75 -4.29 -21.41 28.22
N THR B 76 -3.61 -20.39 27.73
CA THR B 76 -2.16 -20.34 27.74
C THR B 76 -1.77 -19.03 28.42
N PRO B 77 -0.73 -19.06 29.25
CA PRO B 77 -0.32 -17.84 29.94
C PRO B 77 0.40 -16.84 29.02
N PHE B 78 0.64 -15.63 29.52
CA PHE B 78 1.31 -14.61 28.73
C PHE B 78 1.87 -13.51 29.64
N TYR B 79 2.88 -12.80 29.14
CA TYR B 79 3.50 -11.70 29.89
C TYR B 79 3.66 -10.49 28.98
N VAL B 80 3.76 -9.31 29.58
CA VAL B 80 3.88 -8.06 28.83
C VAL B 80 5.09 -7.19 29.21
N CYS B 81 5.79 -6.64 28.23
CA CYS B 81 6.96 -5.80 28.49
C CYS B 81 6.83 -4.42 27.85
N PRO B 82 7.13 -3.36 28.61
CA PRO B 82 7.06 -1.97 28.12
C PRO B 82 8.20 -1.58 27.20
N GLY B 83 7.92 -0.71 26.25
CA GLY B 83 8.95 -0.27 25.34
C GLY B 83 9.72 0.84 26.02
N HIS B 84 9.02 1.58 26.89
CA HIS B 84 9.64 2.68 27.59
C HIS B 84 10.74 2.29 28.58
N ALA B 85 10.89 1.00 28.87
CA ALA B 85 11.95 0.57 29.79
C ALA B 85 13.27 1.09 29.18
N ASN B 86 13.33 1.04 27.85
CA ASN B 86 14.47 1.54 27.09
C ASN B 86 15.83 0.87 27.37
N ARG B 87 15.78 -0.37 27.87
CA ARG B 87 16.99 -1.15 28.17
C ARG B 87 17.39 -1.94 26.93
N LYS B 88 18.66 -1.87 26.53
CA LYS B 88 19.10 -2.60 25.34
C LYS B 88 19.10 -4.10 25.54
N GLN B 89 19.05 -4.53 26.79
CA GLN B 89 19.03 -5.95 27.10
C GLN B 89 17.67 -6.59 26.86
N CYS B 90 16.61 -5.79 26.89
CA CYS B 90 15.27 -6.33 26.67
C CYS B 90 15.00 -6.44 25.18
N GLY B 91 15.87 -5.83 24.38
CA GLY B 91 15.72 -5.88 22.95
C GLY B 91 14.68 -4.94 22.38
N GLY B 92 14.59 -4.92 21.07
CA GLY B 92 13.62 -4.06 20.41
C GLY B 92 12.35 -4.80 20.04
N PRO B 93 11.62 -4.29 19.03
CA PRO B 93 10.37 -4.86 18.54
C PRO B 93 10.42 -6.36 18.23
N GLN B 94 11.51 -6.82 17.63
CA GLN B 94 11.59 -8.25 17.29
C GLN B 94 11.62 -9.20 18.48
N ASP B 95 11.62 -8.64 19.68
CA ASP B 95 11.61 -9.44 20.92
C ASP B 95 10.43 -9.00 21.80
N GLY B 96 9.56 -8.15 21.25
CA GLY B 96 8.43 -7.67 22.02
C GLY B 96 8.91 -6.98 23.28
N PHE B 97 10.16 -6.52 23.26
CA PHE B 97 10.78 -5.83 24.39
C PHE B 97 11.01 -6.78 25.58
N CYS B 98 11.03 -8.09 25.33
CA CYS B 98 11.24 -9.08 26.37
C CYS B 98 12.37 -10.07 26.05
N ALA B 99 13.54 -9.59 25.64
CA ALA B 99 14.61 -10.52 25.30
C ALA B 99 15.04 -11.37 26.50
N VAL B 100 14.96 -10.80 27.70
CA VAL B 100 15.37 -11.52 28.90
C VAL B 100 14.33 -11.44 30.01
N TRP B 101 14.36 -12.41 30.93
CA TRP B 101 13.42 -12.41 32.05
C TRP B 101 13.62 -11.17 32.90
N GLY B 102 12.54 -10.69 33.50
CA GLY B 102 12.63 -9.49 34.32
C GLY B 102 12.18 -8.27 33.54
N CYS B 103 12.14 -8.40 32.21
CA CYS B 103 11.70 -7.32 31.35
C CYS B 103 10.19 -7.19 31.45
N GLU B 104 9.50 -8.30 31.74
CA GLU B 104 8.04 -8.26 31.85
C GLU B 104 7.66 -7.44 33.06
N THR B 105 6.47 -6.83 33.01
CA THR B 105 6.01 -5.98 34.11
C THR B 105 4.56 -6.28 34.49
N THR B 106 3.89 -7.11 33.69
CA THR B 106 2.52 -7.49 33.97
C THR B 106 2.11 -8.66 33.08
N GLY B 107 0.85 -9.07 33.19
CA GLY B 107 0.38 -10.19 32.39
C GLY B 107 -0.19 -11.28 33.28
N GLU B 108 -0.12 -12.53 32.85
CA GLU B 108 -0.65 -13.64 33.63
C GLU B 108 0.14 -14.93 33.54
N THR B 109 1.01 -15.15 34.53
CA THR B 109 1.81 -16.36 34.59
C THR B 109 1.76 -16.79 36.05
N TYR B 110 2.38 -17.93 36.36
CA TYR B 110 2.34 -18.43 37.74
C TYR B 110 2.98 -17.49 38.75
N TRP B 111 3.99 -16.72 38.34
CA TRP B 111 4.62 -15.80 39.28
C TRP B 111 3.95 -14.44 39.40
N ARG B 112 2.80 -14.28 38.75
CA ARG B 112 2.04 -13.03 38.81
C ARG B 112 2.92 -11.79 38.66
N PRO B 113 3.45 -11.53 37.45
CA PRO B 113 4.30 -10.35 37.27
C PRO B 113 3.63 -9.02 37.58
N THR B 114 4.34 -8.19 38.34
CA THR B 114 3.86 -6.86 38.72
C THR B 114 5.03 -5.91 38.50
N SER B 115 4.79 -4.63 38.77
CA SER B 115 5.84 -3.62 38.62
C SER B 115 5.51 -2.43 39.51
N SER B 116 6.56 -1.76 39.99
CA SER B 116 6.38 -0.60 40.85
C SER B 116 6.45 0.71 40.07
N TRP B 117 6.81 0.62 38.78
CA TRP B 117 6.93 1.81 37.96
C TRP B 117 6.09 1.88 36.67
N ASP B 118 5.74 0.75 36.06
CA ASP B 118 4.97 0.80 34.82
C ASP B 118 3.57 1.36 34.99
N TYR B 119 2.98 1.78 33.87
CA TYR B 119 1.68 2.43 33.86
C TYR B 119 0.40 1.60 33.71
N ILE B 120 0.52 0.29 33.44
CA ILE B 120 -0.68 -0.52 33.27
C ILE B 120 -0.52 -1.93 33.80
N THR B 121 -1.64 -2.65 33.82
CA THR B 121 -1.69 -4.04 34.24
C THR B 121 -2.57 -4.70 33.20
N VAL B 122 -2.28 -5.95 32.85
CA VAL B 122 -3.09 -6.64 31.86
C VAL B 122 -3.42 -8.04 32.36
N LYS B 123 -4.71 -8.38 32.37
CA LYS B 123 -5.15 -9.69 32.82
C LYS B 123 -6.18 -10.26 31.85
N LYS B 124 -6.50 -11.54 32.02
CA LYS B 124 -7.48 -12.22 31.16
C LYS B 124 -8.90 -11.87 31.57
N GLY B 125 -9.77 -11.66 30.58
CA GLY B 125 -11.16 -11.33 30.85
C GLY B 125 -12.04 -12.55 30.97
N VAL B 126 -13.35 -12.35 31.04
CA VAL B 126 -14.31 -13.44 31.17
C VAL B 126 -14.89 -13.90 29.82
N THR B 127 -14.93 -15.22 29.61
CA THR B 127 -15.46 -15.79 28.38
C THR B 127 -15.85 -17.24 28.57
N GLN B 128 -16.78 -17.71 27.76
CA GLN B 128 -17.22 -19.10 27.84
C GLN B 128 -16.42 -19.97 26.89
N GLY B 129 -15.61 -19.34 26.04
CA GLY B 129 -14.78 -20.08 25.10
C GLY B 129 -15.48 -21.19 24.35
N ILE B 130 -15.15 -22.43 24.68
CA ILE B 130 -15.75 -23.60 24.03
C ILE B 130 -16.27 -24.58 25.08
N TYR B 131 -17.54 -24.94 24.96
CA TYR B 131 -18.16 -25.87 25.89
C TYR B 131 -19.06 -26.81 25.10
N GLN B 132 -19.29 -27.99 25.65
CA GLN B 132 -20.15 -28.95 24.99
C GLN B 132 -21.58 -28.59 25.36
N CYS B 133 -22.42 -28.33 24.36
CA CYS B 133 -23.79 -27.97 24.66
C CYS B 133 -24.79 -29.10 24.42
N SER B 134 -26.02 -28.90 24.88
CA SER B 134 -27.10 -29.88 24.77
C SER B 134 -27.00 -30.85 23.59
N GLY B 135 -26.84 -30.31 22.39
CA GLY B 135 -26.72 -31.15 21.20
C GLY B 135 -25.71 -32.27 21.37
N GLY B 136 -24.53 -31.94 21.87
CA GLY B 136 -23.50 -32.94 22.06
C GLY B 136 -22.15 -32.51 21.52
N GLY B 137 -22.17 -31.70 20.46
CA GLY B 137 -20.93 -31.24 19.87
C GLY B 137 -20.34 -30.06 20.63
N TRP B 138 -19.45 -29.32 19.97
CA TRP B 138 -18.81 -28.17 20.59
C TRP B 138 -19.51 -26.86 20.21
N CYS B 139 -19.69 -25.99 21.20
CA CYS B 139 -20.37 -24.72 20.99
C CYS B 139 -19.67 -23.63 21.82
N GLY B 140 -19.89 -22.37 21.48
CA GLY B 140 -19.26 -21.29 22.25
C GLY B 140 -18.70 -20.10 21.48
N PRO B 141 -18.34 -19.03 22.20
CA PRO B 141 -17.77 -17.77 21.69
C PRO B 141 -16.54 -17.91 20.79
N CYS B 142 -15.77 -18.98 20.95
CA CYS B 142 -14.57 -19.17 20.14
C CYS B 142 -14.92 -19.46 18.69
N TYR B 143 -16.17 -19.81 18.41
CA TYR B 143 -16.57 -20.09 17.03
C TYR B 143 -17.06 -18.82 16.35
N ASP B 144 -16.56 -18.57 15.13
CA ASP B 144 -16.94 -17.38 14.38
C ASP B 144 -18.35 -17.59 13.83
N LYS B 145 -19.30 -16.78 14.24
CA LYS B 145 -20.67 -16.95 13.77
C LYS B 145 -20.80 -16.73 12.27
N ALA B 146 -19.82 -16.04 11.67
CA ALA B 146 -19.85 -15.80 10.24
C ALA B 146 -19.35 -17.03 9.49
N VAL B 147 -18.24 -17.60 9.97
CA VAL B 147 -17.68 -18.79 9.34
C VAL B 147 -18.68 -19.93 9.35
N HIS B 148 -19.50 -19.97 10.40
CA HIS B 148 -20.52 -21.01 10.54
C HIS B 148 -21.41 -20.73 11.74
N SER B 149 -22.50 -20.00 11.50
CA SER B 149 -23.45 -19.69 12.55
C SER B 149 -24.19 -20.99 12.84
N SER B 150 -25.35 -20.89 13.49
CA SER B 150 -26.14 -22.08 13.82
C SER B 150 -25.45 -22.86 14.94
N THR B 151 -24.32 -22.33 15.40
CA THR B 151 -23.55 -22.93 16.50
C THR B 151 -23.80 -22.05 17.71
N THR B 152 -24.57 -22.57 18.66
CA THR B 152 -24.90 -21.81 19.86
C THR B 152 -23.68 -21.11 20.46
N GLY B 153 -23.83 -19.83 20.75
CA GLY B 153 -22.75 -19.07 21.37
C GLY B 153 -21.72 -18.44 20.46
N ALA B 154 -21.63 -18.90 19.21
CA ALA B 154 -20.66 -18.34 18.28
C ALA B 154 -20.73 -16.82 18.28
N SER B 155 -19.56 -16.19 18.33
CA SER B 155 -19.49 -14.73 18.35
C SER B 155 -18.93 -14.24 17.02
N GLU B 156 -19.03 -12.94 16.79
CA GLU B 156 -18.49 -12.41 15.54
C GLU B 156 -16.98 -12.40 15.70
N GLY B 157 -16.30 -12.94 14.69
CA GLY B 157 -14.84 -12.98 14.74
C GLY B 157 -14.31 -14.14 15.55
N GLY B 158 -15.18 -14.81 16.28
CA GLY B 158 -14.76 -15.92 17.11
C GLY B 158 -13.89 -15.46 18.27
N ARG B 159 -14.08 -14.21 18.67
CA ARG B 159 -13.32 -13.62 19.75
C ARG B 159 -13.56 -14.32 21.08
N CYS B 160 -12.50 -14.84 21.69
CA CYS B 160 -12.63 -15.51 22.96
C CYS B 160 -11.34 -15.42 23.76
N ASN B 161 -10.58 -14.36 23.49
CA ASN B 161 -9.32 -14.09 24.17
C ASN B 161 -9.40 -12.68 24.75
N PRO B 162 -10.40 -12.43 25.60
CA PRO B 162 -10.51 -11.09 26.17
C PRO B 162 -9.37 -10.69 27.11
N LEU B 163 -8.96 -9.44 27.01
CA LEU B 163 -7.91 -8.93 27.87
C LEU B 163 -8.46 -7.70 28.57
N ILE B 164 -8.00 -7.48 29.80
CA ILE B 164 -8.45 -6.33 30.55
C ILE B 164 -7.24 -5.48 30.91
N LEU B 165 -7.29 -4.23 30.51
CA LEU B 165 -6.20 -3.32 30.77
C LEU B 165 -6.65 -2.24 31.73
N GLN B 166 -5.88 -2.06 32.79
CA GLN B 166 -6.16 -1.05 33.79
C GLN B 166 -4.91 -0.23 34.00
N PHE B 167 -5.10 1.02 34.44
CA PHE B 167 -3.99 1.91 34.69
C PHE B 167 -3.55 1.84 36.16
N THR B 168 -2.25 1.81 36.38
CA THR B 168 -1.69 1.75 37.73
C THR B 168 -1.63 3.16 38.30
N GLN B 169 -1.19 3.27 39.56
CA GLN B 169 -1.07 4.57 40.21
C GLN B 169 -0.06 5.40 39.43
N LYS B 170 1.08 4.80 39.11
CA LYS B 170 2.10 5.49 38.34
C LYS B 170 1.52 5.91 36.99
N GLY B 171 0.63 5.07 36.47
CA GLY B 171 0.01 5.34 35.19
C GLY B 171 -0.89 6.58 35.15
N ARG B 172 -1.57 6.87 36.24
CA ARG B 172 -2.47 8.03 36.26
C ARG B 172 -1.72 9.33 36.54
N GLN B 173 -0.41 9.24 36.79
CA GLN B 173 0.38 10.43 37.08
C GLN B 173 1.38 10.79 36.00
N THR B 174 1.63 9.85 35.10
CA THR B 174 2.59 10.09 34.02
C THR B 174 1.95 10.91 32.90
N SER B 175 2.76 11.41 31.98
CA SER B 175 2.22 12.20 30.87
C SER B 175 1.76 11.29 29.73
N TRP B 176 0.61 11.62 29.14
CA TRP B 176 0.05 10.85 28.04
C TRP B 176 -0.21 11.67 26.78
N ASP B 177 0.69 12.58 26.42
CA ASP B 177 0.46 13.37 25.21
C ASP B 177 0.93 12.61 23.97
N GLY B 178 1.51 11.43 24.19
CA GLY B 178 1.99 10.61 23.10
C GLY B 178 1.67 9.16 23.40
N PRO B 179 1.63 8.28 22.40
CA PRO B 179 1.33 6.87 22.69
C PRO B 179 2.51 6.17 23.34
N LYS B 180 2.22 5.06 24.00
CA LYS B 180 3.26 4.26 24.65
C LYS B 180 3.06 2.83 24.15
N SER B 181 4.16 2.13 23.94
CA SER B 181 4.06 0.77 23.42
C SER B 181 4.53 -0.30 24.39
N TRP B 182 3.96 -1.48 24.20
CA TRP B 182 4.24 -2.66 25.00
C TRP B 182 4.30 -3.87 24.07
N GLY B 183 4.92 -4.94 24.55
CA GLY B 183 4.97 -6.16 23.77
C GLY B 183 4.26 -7.20 24.62
N LEU B 184 3.47 -8.06 23.97
CA LEU B 184 2.77 -9.15 24.67
C LEU B 184 3.25 -10.46 24.04
N ARG B 185 3.58 -11.43 24.89
CA ARG B 185 4.09 -12.73 24.44
C ARG B 185 3.37 -13.91 25.09
N LEU B 186 3.06 -14.94 24.31
CA LEU B 186 2.42 -16.14 24.84
C LEU B 186 3.51 -16.94 25.56
N TYR B 187 3.26 -17.27 26.82
CA TYR B 187 4.22 -18.02 27.64
C TYR B 187 4.04 -19.52 27.42
N ARG B 188 4.86 -20.10 26.56
CA ARG B 188 4.71 -21.50 26.26
C ARG B 188 5.99 -22.31 26.13
N SER B 189 5.85 -23.63 26.25
CA SER B 189 6.97 -24.53 26.11
C SER B 189 7.29 -24.54 24.63
N GLY B 190 8.15 -23.61 24.24
CA GLY B 190 8.53 -23.48 22.84
C GLY B 190 8.59 -22.00 22.53
N TYR B 191 8.59 -21.67 21.26
CA TYR B 191 8.64 -20.26 20.85
C TYR B 191 7.47 -19.45 21.43
N ASP B 192 7.77 -18.24 21.91
CA ASP B 192 6.75 -17.34 22.46
C ASP B 192 6.39 -16.29 21.40
N PRO B 193 5.18 -16.40 20.80
CA PRO B 193 4.78 -15.41 19.77
C PRO B 193 4.79 -13.97 20.30
N ILE B 194 4.90 -13.01 19.38
CA ILE B 194 4.94 -11.60 19.75
C ILE B 194 3.81 -10.75 19.17
N ALA B 195 3.17 -9.96 20.03
CA ALA B 195 2.11 -9.06 19.60
C ALA B 195 2.47 -7.67 20.15
N LEU B 196 2.68 -6.71 19.27
CA LEU B 196 3.04 -5.35 19.70
C LEU B 196 1.80 -4.45 19.67
N PHE B 197 1.64 -3.59 20.67
CA PHE B 197 0.49 -2.70 20.73
C PHE B 197 0.79 -1.42 21.51
N SER B 198 0.01 -0.37 21.26
CA SER B 198 0.21 0.89 21.97
C SER B 198 -1.07 1.34 22.65
N VAL B 199 -0.90 2.19 23.67
CA VAL B 199 -2.04 2.74 24.41
C VAL B 199 -1.87 4.24 24.26
N SER B 200 -2.93 4.93 23.83
CA SER B 200 -2.83 6.38 23.67
C SER B 200 -4.10 7.09 24.08
N ARG B 201 -3.94 8.35 24.48
CA ARG B 201 -5.06 9.17 24.88
C ARG B 201 -5.24 10.36 23.97
N GLN B 202 -6.48 10.55 23.52
CA GLN B 202 -6.88 11.64 22.65
C GLN B 202 -7.75 12.60 23.46
N VAL B 203 -7.27 13.83 23.63
CA VAL B 203 -8.03 14.84 24.38
C VAL B 203 -8.59 15.88 23.43
N MET B 204 -9.91 15.81 23.18
CA MET B 204 -10.59 16.75 22.29
C MET B 204 -11.65 17.58 23.02
N THR B 205 -11.79 18.84 22.62
CA THR B 205 -12.78 19.73 23.22
C THR B 205 -14.16 19.26 22.80
N ILE B 206 -15.19 19.69 23.53
CA ILE B 206 -16.57 19.29 23.22
C ILE B 206 -17.10 19.77 21.86
N THR B 207 -17.69 18.83 21.11
CA THR B 207 -18.25 19.11 19.79
C THR B 207 -19.35 18.09 19.47
N PRO B 208 -20.40 18.52 18.74
CA PRO B 208 -20.65 19.86 18.21
C PRO B 208 -20.68 20.94 19.30
C1 NAG C . 20.36 -3.87 -36.82
C2 NAG C . 18.88 -3.60 -37.07
C3 NAG C . 18.70 -2.91 -38.43
C4 NAG C . 19.65 -1.71 -38.63
C5 NAG C . 21.09 -2.03 -38.14
C6 NAG C . 21.95 -0.79 -38.05
C7 NAG C . 16.86 -4.92 -37.35
C8 NAG C . 16.50 -5.29 -38.77
N2 NAG C . 18.15 -4.87 -37.05
O3 NAG C . 17.36 -2.46 -38.55
O4 NAG C . 19.72 -1.41 -40.04
O5 NAG C . 21.06 -2.62 -36.83
O6 NAG C . 23.20 -1.09 -37.45
O7 NAG C . 15.97 -4.67 -36.53
C1 NAG C . 19.04 -0.31 -40.53
C2 NAG C . 19.17 -0.30 -42.06
C3 NAG C . 18.31 0.82 -42.66
C4 NAG C . 16.88 0.68 -42.18
C5 NAG C . 16.85 0.66 -40.65
C6 NAG C . 15.45 0.46 -40.09
C7 NAG C . 21.23 -1.20 -42.93
C8 NAG C . 21.27 -1.39 -44.44
N2 NAG C . 20.56 -0.15 -42.46
O3 NAG C . 18.37 0.77 -44.08
O4 NAG C . 16.08 1.75 -42.68
O5 NAG C . 17.66 -0.42 -40.15
O6 NAG C . 15.50 0.17 -38.70
O7 NAG C . 21.82 -2.01 -42.20
C1 NAG D . 11.54 7.88 -32.98
C2 NAG D . 11.27 9.36 -32.76
C3 NAG D . 12.43 10.21 -33.28
C4 NAG D . 13.71 9.76 -32.58
C5 NAG D . 13.90 8.26 -32.84
C6 NAG D . 15.14 7.70 -32.17
C7 NAG D . 9.01 10.16 -32.69
C8 NAG D . 7.89 10.90 -33.42
N2 NAG D . 10.03 9.74 -33.42
O3 NAG D . 12.18 11.58 -33.02
O4 NAG D . 14.86 10.51 -33.04
O5 NAG D . 12.77 7.51 -32.33
O6 NAG D . 15.50 6.45 -32.74
O7 NAG D . 8.94 10.01 -31.47
C1 NAG D . 15.58 11.18 -32.05
C2 NAG D . 16.92 11.67 -32.59
C3 NAG D . 17.66 12.49 -31.52
C4 NAG D . 16.75 13.60 -30.96
C5 NAG D . 15.43 13.00 -30.50
C6 NAG D . 14.45 14.05 -30.00
C7 NAG D . 17.82 10.20 -34.29
C8 NAG D . 18.76 9.05 -34.64
N2 NAG D . 17.74 10.54 -33.00
O3 NAG D . 18.84 13.06 -32.07
O4 NAG D . 17.39 14.27 -29.89
O5 NAG D . 14.80 12.29 -31.58
O6 NAG D . 14.10 14.96 -31.02
O7 NAG D . 17.18 10.78 -35.18
C1 NAG E . -15.62 12.15 21.20
C2 NAG E . -17.01 12.64 20.83
C3 NAG E . -17.76 11.47 20.22
C4 NAG E . -17.02 10.92 19.00
C5 NAG E . -15.54 10.64 19.35
C6 NAG E . -14.68 10.38 18.11
C7 NAG E . -18.39 14.29 21.88
C8 NAG E . -19.90 14.19 21.73
N2 NAG E . -17.70 13.16 21.98
O3 NAG E . -19.07 11.88 19.85
O4 NAG E . -17.70 9.69 18.59
O5 NAG E . -14.93 11.78 20.01
O6 NAG E . -13.32 10.72 18.35
O7 NAG E . -17.84 15.40 21.90
C1 NAG E . -17.60 9.24 17.27
C2 NAG E . -17.75 10.42 16.27
C3 NAG E . -17.24 10.07 14.84
C4 NAG E . -15.94 9.25 14.86
C5 NAG E . -16.11 8.08 15.80
C6 NAG E . -14.89 7.17 15.86
C7 NAG E . -19.80 11.40 17.13
C8 NAG E . -19.74 12.92 17.15
N2 NAG E . -19.15 10.78 16.15
O3 NAG E . -17.01 11.27 14.12
O4 NAG E . -15.65 8.78 13.55
O5 NAG E . -16.34 8.56 17.13
O6 NAG E . -15.09 6.11 16.78
O7 NAG E . -20.43 10.81 18.01
C1 NAG F . -14.34 -2.64 23.24
C2 NAG F . -14.75 -4.05 23.67
C3 NAG F . -16.16 -4.04 24.26
C4 NAG F . -16.21 -3.04 25.40
C5 NAG F . -15.75 -1.66 24.92
C6 NAG F . -15.70 -0.65 26.05
C7 NAG F . -13.82 -5.95 22.57
C8 NAG F . -14.08 -7.13 21.64
N2 NAG F . -14.68 -4.95 22.54
O3 NAG F . -16.46 -5.34 24.75
O4 NAG F . -17.56 -2.96 25.94
O5 NAG F . -14.42 -1.75 24.36
O6 NAG F . -15.47 0.66 25.55
O7 NAG F . -12.83 -5.97 23.31
C1 NAG F . -17.66 -2.80 27.33
C2 NAG F . -19.05 -2.28 27.69
C3 NAG F . -19.17 -2.18 29.22
C4 NAG F . -18.83 -3.52 29.88
C5 NAG F . -17.45 -4.00 29.39
C6 NAG F . -17.10 -5.39 29.90
C7 NAG F . -20.47 -0.73 26.56
C8 NAG F . -21.45 0.09 27.40
N2 NAG F . -19.29 -0.98 27.09
O3 NAG F . -20.49 -1.80 29.57
O4 NAG F . -18.84 -3.39 31.31
O5 NAG F . -17.43 -4.07 27.95
O6 NAG F . -17.64 -6.38 29.05
O7 NAG F . -20.80 -1.12 25.44
C1 MAN F . -19.47 -4.40 32.03
C2 MAN F . -20.37 -3.81 33.13
C3 MAN F . -19.55 -3.15 34.23
C4 MAN F . -18.45 -4.10 34.75
C5 MAN F . -17.62 -4.58 33.56
C6 MAN F . -16.43 -5.50 33.88
O2 MAN F . -21.18 -4.84 33.69
O3 MAN F . -20.40 -2.78 35.31
O4 MAN F . -17.63 -3.42 35.69
O5 MAN F . -18.46 -5.26 32.59
O6 MAN F . -16.65 -6.23 35.11
C1 BMA F . -15.85 -5.76 36.17
C2 BMA F . -15.85 -6.79 37.33
C3 BMA F . -15.00 -6.24 38.49
C4 BMA F . -13.60 -5.87 38.00
C5 BMA F . -13.69 -4.90 36.81
C6 BMA F . -12.33 -4.60 36.20
O2 BMA F . -15.28 -8.04 36.88
O3 BMA F . -14.88 -7.22 39.51
O4 BMA F . -12.85 -5.27 39.05
O5 BMA F . -14.51 -5.47 35.76
O6 BMA F . -11.55 -5.78 36.05
C1 NDG F . -16.06 -9.20 36.69
C2 NDG F . -17.21 -9.32 37.69
C3 NDG F . -16.65 -9.30 39.13
C4 NDG F . -15.58 -10.39 39.30
C5 NDG F . -14.54 -10.33 38.16
C6 NDG F . -13.59 -11.50 38.19
C7 NDG F . -19.10 -8.39 36.53
C8 NDG F . -19.50 -7.13 35.78
O5 NDG F . -15.20 -10.33 36.87
O3 NDG F . -17.70 -9.53 40.06
O4 NDG F . -14.92 -10.20 40.55
O6 NDG F . -12.67 -11.38 39.27
O7 NDG F . -19.60 -9.47 36.20
N2 NDG F . -18.21 -8.28 37.51
O2' TOE G . 4.39 -7.85 -6.14
CA' TOE G . 4.82 -6.54 -5.74
CB' TOE G . 6.14 -6.08 -6.39
OC' TOE G . 6.25 -4.60 -6.45
CD' TOE G . 6.97 -4.00 -5.36
CE' TOE G . 6.08 -2.87 -4.85
OF' TOE G . 5.84 -3.20 -3.46
CG' TOE G . 4.95 -2.33 -2.72
CH' TOE G . 4.07 -3.18 -1.82
OI' TOE G . 2.70 -2.77 -2.08
CK' TOE G . 1.80 -3.71 -1.46
#